data_4J1N
#
_entry.id   4J1N
#
_cell.length_a   85.240
_cell.length_b   123.320
_cell.length_c   50.620
_cell.angle_alpha   90.00
_cell.angle_beta   90.00
_cell.angle_gamma   90.00
#
_symmetry.space_group_name_H-M   'P 21 21 2'
#
loop_
_entity.id
_entity.type
_entity.pdbx_description
1 polymer 'Enoyl-[acyl-carrier-protein] reductase [NADH]'
2 non-polymer NICOTINAMIDE-ADENINE-DINUCLEOTIDE
3 non-polymer 1-(4-methoxy-3-methylbenzyl)-1,5,6,7-tetrahydroindeno[5,6-d]imidazole
4 non-polymer GLYCEROL
5 water water
#
_entity_poly.entity_id   1
_entity_poly.type   'polypeptide(L)'
_entity_poly.pdbx_seq_one_letter_code
;MGSSHHHHHHSSGLVPRGSHMGFLAGKKILITGLLSNKSIAYGIAKAMHREGAELAFTYVGQFKDRVEKLCAEFNPAAVL
PCDVISDQEIKDLFVELGKVWDGLDAIVHSIAFAPRDQLEGNFIDCVTREGFSIAHDISAYSFAALAKEGRSMMKNRNAS
MVALTYIGAEKAMPSYNTMGVAKASLEATVRYTALALGEDGIKVNAVSAGPIKTLAASGISNFKKMLDYNAMVSPLKKNV
DIMEVGNTVAFLCSDMATGITGEVVHVDAGYHCVSMGNVL
;
_entity_poly.pdbx_strand_id   A,B
#
# COMPACT_ATOMS: atom_id res chain seq x y z
N GLY A 22 4.14 -10.53 -17.56
CA GLY A 22 3.98 -10.24 -16.09
C GLY A 22 4.64 -8.92 -15.71
N PHE A 23 4.14 -8.27 -14.66
CA PHE A 23 4.70 -6.98 -14.23
C PHE A 23 6.05 -7.08 -13.50
N LEU A 24 6.61 -8.29 -13.42
CA LEU A 24 7.94 -8.50 -12.87
C LEU A 24 8.89 -9.19 -13.86
N ALA A 25 8.60 -9.02 -15.15
CA ALA A 25 9.28 -9.75 -16.22
C ALA A 25 10.75 -9.41 -16.29
N GLY A 26 11.60 -10.42 -16.10
CA GLY A 26 13.04 -10.25 -16.21
C GLY A 26 13.72 -9.76 -14.96
N LYS A 27 12.93 -9.39 -13.96
CA LYS A 27 13.47 -8.88 -12.71
C LYS A 27 14.09 -10.00 -11.90
N LYS A 28 15.23 -9.69 -11.27
CA LYS A 28 15.96 -10.67 -10.49
C LYS A 28 15.74 -10.44 -9.00
N ILE A 29 15.03 -11.35 -8.36
CA ILE A 29 14.61 -11.17 -6.98
C ILE A 29 15.06 -12.31 -6.08
N LEU A 30 15.63 -11.95 -4.94
CA LEU A 30 16.02 -12.91 -3.91
C LEU A 30 14.90 -13.06 -2.88
N ILE A 31 14.55 -14.30 -2.56
CA ILE A 31 13.54 -14.59 -1.54
C ILE A 31 14.12 -15.35 -0.35
N THR A 32 13.95 -14.79 0.84
CA THR A 32 14.36 -15.45 2.07
C THR A 32 13.15 -16.03 2.78
N GLY A 33 13.40 -16.94 3.72
CA GLY A 33 12.35 -17.48 4.58
C GLY A 33 11.32 -18.40 3.93
N LEU A 34 11.71 -19.10 2.87
CA LEU A 34 10.88 -20.17 2.35
C LEU A 34 11.24 -21.45 3.09
N LEU A 35 10.24 -22.01 3.78
CA LEU A 35 10.46 -23.14 4.68
C LEU A 35 9.40 -24.20 4.49
N SER A 36 8.25 -23.80 3.98
CA SER A 36 7.11 -24.70 3.85
C SER A 36 6.17 -24.36 2.70
N ASN A 37 5.38 -25.35 2.34
CA ASN A 37 4.21 -25.21 1.50
C ASN A 37 3.31 -24.05 1.94
N LYS A 38 3.36 -23.74 3.24
CA LYS A 38 2.46 -22.78 3.89
C LYS A 38 3.10 -21.41 4.12
N SER A 39 4.43 -21.36 4.10
CA SER A 39 5.21 -20.13 4.26
C SER A 39 4.68 -18.96 3.44
N ILE A 40 4.77 -17.75 3.99
CA ILE A 40 4.38 -16.53 3.29
C ILE A 40 5.26 -16.39 2.03
N ALA A 41 6.55 -16.70 2.21
CA ALA A 41 7.52 -16.72 1.12
C ALA A 41 7.06 -17.61 -0.04
N TYR A 42 6.42 -18.74 0.26
CA TYR A 42 5.88 -19.60 -0.80
C TYR A 42 4.85 -18.85 -1.63
N GLY A 43 3.99 -18.09 -0.97
CA GLY A 43 2.97 -17.27 -1.62
C GLY A 43 3.59 -16.16 -2.44
N ILE A 44 4.61 -15.53 -1.87
CA ILE A 44 5.35 -14.48 -2.57
C ILE A 44 6.00 -15.02 -3.84
N ALA A 45 6.59 -16.22 -3.75
CA ALA A 45 7.21 -16.88 -4.89
C ALA A 45 6.20 -17.15 -6.00
N LYS A 46 5.08 -17.80 -5.66
CA LYS A 46 3.99 -18.08 -6.61
C LYS A 46 3.59 -16.82 -7.38
N ALA A 47 3.37 -15.73 -6.66
CA ALA A 47 3.01 -14.44 -7.25
C ALA A 47 4.09 -13.92 -8.19
N MET A 48 5.33 -13.91 -7.72
CA MET A 48 6.46 -13.41 -8.50
C MET A 48 6.78 -14.25 -9.74
N HIS A 49 6.65 -15.57 -9.61
CA HIS A 49 6.86 -16.47 -10.74
C HIS A 49 5.83 -16.17 -11.80
N ARG A 50 4.56 -16.19 -11.41
CA ARG A 50 3.43 -15.84 -12.28
C ARG A 50 3.69 -14.54 -13.04
N GLU A 51 4.36 -13.59 -12.40
CA GLU A 51 4.64 -12.28 -13.00
C GLU A 51 5.98 -12.18 -13.73
N GLY A 52 6.67 -13.32 -13.85
CA GLY A 52 7.82 -13.46 -14.74
C GLY A 52 9.17 -13.07 -14.16
N ALA A 53 9.31 -13.18 -12.85
CA ALA A 53 10.56 -12.86 -12.18
C ALA A 53 11.50 -14.06 -12.20
N GLU A 54 12.80 -13.80 -12.30
CA GLU A 54 13.80 -14.82 -12.02
C GLU A 54 14.11 -14.77 -10.54
N LEU A 55 13.95 -15.92 -9.89
CA LEU A 55 14.00 -16.00 -8.43
C LEU A 55 15.19 -16.78 -7.91
N ALA A 56 15.72 -16.32 -6.78
CA ALA A 56 16.70 -17.07 -6.00
C ALA A 56 16.23 -17.17 -4.55
N PHE A 57 16.51 -18.31 -3.92
CA PHE A 57 16.04 -18.61 -2.57
C PHE A 57 17.18 -18.91 -1.60
N THR A 58 17.01 -18.49 -0.35
CA THR A 58 17.94 -18.86 0.72
C THR A 58 17.36 -19.99 1.61
N TYR A 59 18.22 -20.61 2.41
CA TYR A 59 17.81 -21.63 3.36
C TYR A 59 18.80 -21.68 4.53
N VAL A 60 18.33 -22.20 5.67
CA VAL A 60 19.18 -22.34 6.84
C VAL A 60 19.66 -23.78 7.02
N GLY A 61 20.89 -23.91 7.53
CA GLY A 61 21.51 -25.19 7.86
C GLY A 61 20.98 -26.42 7.16
N GLN A 62 20.18 -27.21 7.89
CA GLN A 62 19.79 -28.55 7.45
C GLN A 62 18.42 -28.62 6.74
N PHE A 63 17.96 -27.49 6.20
CA PHE A 63 16.71 -27.48 5.43
C PHE A 63 16.95 -27.49 3.92
N LYS A 64 18.24 -27.59 3.55
CA LYS A 64 18.70 -27.60 2.16
C LYS A 64 17.79 -28.41 1.23
N ASP A 65 17.62 -29.69 1.55
CA ASP A 65 16.82 -30.61 0.72
C ASP A 65 15.35 -30.21 0.62
N ARG A 66 14.77 -29.78 1.75
CA ARG A 66 13.37 -29.33 1.80
C ARG A 66 13.12 -28.17 0.84
N VAL A 67 13.94 -27.13 0.97
CA VAL A 67 13.80 -25.90 0.21
C VAL A 67 14.05 -26.12 -1.29
N GLU A 68 15.11 -26.86 -1.61
CA GLU A 68 15.43 -27.20 -3.00
C GLU A 68 14.25 -27.87 -3.71
N LYS A 69 13.63 -28.84 -3.02
CA LYS A 69 12.46 -29.54 -3.56
C LYS A 69 11.25 -28.60 -3.67
N LEU A 70 10.98 -27.85 -2.60
CA LEU A 70 9.83 -26.93 -2.55
C LEU A 70 9.81 -25.91 -3.68
N CYS A 71 10.95 -25.26 -3.90
CA CYS A 71 11.01 -24.14 -4.83
C CYS A 71 11.44 -24.54 -6.25
N ALA A 72 11.67 -25.84 -6.47
CA ALA A 72 12.02 -26.38 -7.78
C ALA A 72 11.09 -25.86 -8.86
N GLU A 73 9.79 -25.99 -8.61
CA GLU A 73 8.73 -25.51 -9.51
C GLU A 73 8.92 -24.05 -9.97
N PHE A 74 9.70 -23.28 -9.22
CA PHE A 74 9.88 -21.84 -9.50
C PHE A 74 11.09 -21.52 -10.39
N ASN A 75 11.79 -22.56 -10.85
CA ASN A 75 12.98 -22.42 -11.72
C ASN A 75 14.09 -21.55 -11.18
N PRO A 76 14.46 -21.75 -9.90
CA PRO A 76 15.35 -20.76 -9.31
C PRO A 76 16.72 -20.71 -10.00
N ALA A 77 17.26 -19.51 -10.11
CA ALA A 77 18.60 -19.31 -10.66
C ALA A 77 19.66 -19.73 -9.64
N ALA A 78 19.25 -19.88 -8.38
CA ALA A 78 20.13 -20.30 -7.27
C ALA A 78 19.34 -20.63 -6.01
N VAL A 79 19.82 -21.60 -5.24
CA VAL A 79 19.30 -21.94 -3.93
C VAL A 79 20.49 -22.03 -2.97
N LEU A 80 20.73 -20.96 -2.22
CA LEU A 80 21.98 -20.78 -1.48
C LEU A 80 21.78 -20.73 0.04
N PRO A 81 22.83 -21.13 0.81
CA PRO A 81 22.72 -21.11 2.28
C PRO A 81 22.90 -19.71 2.86
N CYS A 82 22.00 -19.34 3.78
CA CYS A 82 22.14 -18.07 4.49
C CYS A 82 21.43 -18.07 5.85
N ASP A 83 22.22 -18.24 6.90
CA ASP A 83 21.77 -18.06 8.26
C ASP A 83 22.13 -16.64 8.68
N VAL A 84 21.12 -15.77 8.72
CA VAL A 84 21.33 -14.34 8.95
C VAL A 84 21.95 -13.99 10.31
N ILE A 85 22.26 -15.02 11.10
CA ILE A 85 23.00 -14.86 12.34
C ILE A 85 24.46 -14.54 12.04
N SER A 86 24.93 -14.97 10.86
CA SER A 86 26.31 -14.81 10.44
C SER A 86 26.47 -13.71 9.38
N ASP A 87 27.31 -12.73 9.69
CA ASP A 87 27.69 -11.68 8.73
C ASP A 87 28.42 -12.27 7.54
N GLN A 88 29.21 -13.31 7.80
CA GLN A 88 30.00 -13.97 6.77
C GLN A 88 29.11 -14.60 5.71
N GLU A 89 28.10 -15.35 6.14
CA GLU A 89 27.19 -16.01 5.21
C GLU A 89 26.42 -15.01 4.35
N ILE A 90 26.03 -13.89 4.95
CA ILE A 90 25.30 -12.85 4.22
C ILE A 90 26.21 -12.26 3.15
N LYS A 91 27.49 -12.06 3.50
CA LYS A 91 28.45 -11.53 2.56
C LYS A 91 28.75 -12.54 1.44
N ASP A 92 28.84 -13.82 1.80
CA ASP A 92 29.06 -14.90 0.83
C ASP A 92 27.86 -15.09 -0.09
N LEU A 93 26.67 -14.78 0.43
CA LEU A 93 25.45 -14.95 -0.34
C LEU A 93 25.49 -14.09 -1.60
N PHE A 94 25.97 -12.85 -1.45
CA PHE A 94 25.98 -11.91 -2.57
C PHE A 94 27.18 -12.08 -3.48
N VAL A 95 28.18 -12.82 -3.00
CA VAL A 95 29.30 -13.25 -3.80
C VAL A 95 28.81 -14.34 -4.76
N GLU A 96 28.25 -15.41 -4.21
CA GLU A 96 27.73 -16.52 -5.00
C GLU A 96 26.62 -16.07 -5.95
N LEU A 97 25.76 -15.20 -5.45
CA LEU A 97 24.64 -14.66 -6.22
C LEU A 97 25.14 -13.75 -7.33
N GLY A 98 26.16 -12.95 -7.01
CA GLY A 98 26.76 -12.03 -7.97
C GLY A 98 27.49 -12.72 -9.11
N LYS A 99 27.74 -14.02 -8.95
CA LYS A 99 28.34 -14.84 -10.00
C LYS A 99 27.30 -15.12 -11.07
N VAL A 100 26.12 -15.57 -10.66
CA VAL A 100 25.06 -15.95 -11.60
C VAL A 100 24.19 -14.79 -12.06
N TRP A 101 24.23 -13.67 -11.34
CA TRP A 101 23.50 -12.47 -11.77
C TRP A 101 24.38 -11.26 -11.83
N ASP A 102 24.15 -10.43 -12.84
CA ASP A 102 24.87 -9.17 -12.99
C ASP A 102 24.46 -8.21 -11.90
N GLY A 103 23.19 -7.79 -11.93
CA GLY A 103 22.60 -6.97 -10.88
C GLY A 103 21.43 -7.70 -10.25
N LEU A 104 20.83 -7.10 -9.22
CA LEU A 104 19.70 -7.69 -8.51
C LEU A 104 18.60 -6.65 -8.32
N ASP A 105 17.36 -7.01 -8.64
CA ASP A 105 16.24 -6.06 -8.60
C ASP A 105 15.53 -5.92 -7.23
N ALA A 106 15.38 -7.01 -6.50
CA ALA A 106 14.72 -6.94 -5.21
C ALA A 106 15.26 -7.92 -4.17
N ILE A 107 15.09 -7.58 -2.90
CA ILE A 107 15.28 -8.52 -1.80
C ILE A 107 13.98 -8.62 -0.99
N VAL A 108 13.53 -9.86 -0.74
CA VAL A 108 12.36 -10.11 0.08
C VAL A 108 12.76 -10.71 1.44
N HIS A 109 12.65 -9.88 2.48
CA HIS A 109 12.92 -10.32 3.86
C HIS A 109 11.67 -10.90 4.45
N SER A 110 11.76 -12.16 4.85
CA SER A 110 10.62 -12.91 5.38
C SER A 110 11.17 -13.86 6.44
N ILE A 111 11.85 -13.26 7.42
CA ILE A 111 12.61 -13.97 8.43
C ILE A 111 12.27 -13.39 9.80
N ALA A 112 11.93 -14.24 10.75
CA ALA A 112 11.73 -13.81 12.14
C ALA A 112 12.02 -14.94 13.09
N PHE A 113 12.66 -14.62 14.21
CA PHE A 113 12.86 -15.59 15.28
C PHE A 113 13.04 -14.93 16.64
N ALA A 114 12.50 -15.57 17.67
CA ALA A 114 12.81 -15.29 19.07
C ALA A 114 12.76 -16.62 19.82
N PRO A 115 13.61 -16.76 20.86
CA PRO A 115 13.58 -17.99 21.66
C PRO A 115 12.20 -18.22 22.27
N ARG A 116 11.72 -19.46 22.25
CA ARG A 116 10.36 -19.79 22.68
C ARG A 116 9.97 -19.24 24.06
N ASP A 117 10.95 -19.14 24.97
CA ASP A 117 10.70 -18.61 26.32
C ASP A 117 10.23 -17.15 26.31
N GLN A 118 10.33 -16.52 25.15
CA GLN A 118 10.01 -15.10 24.98
C GLN A 118 8.56 -14.87 24.59
N LEU A 119 7.82 -15.94 24.33
CA LEU A 119 6.46 -15.81 23.78
C LEU A 119 5.39 -16.40 24.70
N GLU A 120 5.78 -16.72 25.92
CA GLU A 120 4.86 -17.31 26.89
C GLU A 120 4.39 -16.25 27.87
N GLY A 121 3.09 -16.01 27.89
CA GLY A 121 2.44 -15.16 28.90
C GLY A 121 2.95 -13.74 29.03
N ASN A 122 3.33 -13.39 30.27
CA ASN A 122 3.58 -12.01 30.68
C ASN A 122 4.92 -11.48 30.17
N PHE A 123 4.87 -10.36 29.44
CA PHE A 123 6.06 -9.80 28.80
C PHE A 123 7.21 -9.55 29.76
N ILE A 124 6.94 -8.92 30.91
CA ILE A 124 7.99 -8.57 31.86
C ILE A 124 8.52 -9.81 32.58
N ASP A 125 7.66 -10.81 32.76
CA ASP A 125 8.06 -12.10 33.29
C ASP A 125 9.05 -12.81 32.37
N CYS A 126 8.64 -13.00 31.12
CA CYS A 126 9.36 -13.87 30.20
C CYS A 126 10.53 -13.21 29.46
N VAL A 127 10.56 -11.88 29.38
CA VAL A 127 11.62 -11.15 28.67
C VAL A 127 13.01 -11.37 29.30
N THR A 128 14.03 -11.50 28.47
CA THR A 128 15.42 -11.66 28.93
C THR A 128 16.36 -10.81 28.08
N ARG A 129 17.53 -10.48 28.61
CA ARG A 129 18.48 -9.67 27.87
C ARG A 129 18.91 -10.34 26.57
N GLU A 130 19.10 -11.66 26.60
CA GLU A 130 19.57 -12.40 25.44
C GLU A 130 18.46 -12.65 24.43
N GLY A 131 17.28 -13.02 24.91
CA GLY A 131 16.12 -13.24 24.02
C GLY A 131 15.73 -11.97 23.27
N PHE A 132 15.90 -10.84 23.94
CA PHE A 132 15.68 -9.52 23.37
C PHE A 132 16.72 -9.27 22.26
N SER A 133 17.99 -9.49 22.60
CA SER A 133 19.10 -9.36 21.67
C SER A 133 18.96 -10.26 20.44
N ILE A 134 18.70 -11.55 20.68
CA ILE A 134 18.59 -12.54 19.62
C ILE A 134 17.43 -12.22 18.69
N ALA A 135 16.29 -11.83 19.25
CA ALA A 135 15.10 -11.53 18.45
C ALA A 135 15.34 -10.36 17.50
N HIS A 136 16.00 -9.31 18.01
CA HIS A 136 16.31 -8.12 17.21
C HIS A 136 17.36 -8.41 16.17
N ASP A 137 18.39 -9.15 16.57
CA ASP A 137 19.46 -9.56 15.66
C ASP A 137 18.94 -10.24 14.39
N ILE A 138 18.00 -11.17 14.56
CA ILE A 138 17.52 -11.99 13.46
C ILE A 138 16.31 -11.37 12.75
N SER A 139 15.43 -10.74 13.53
CA SER A 139 14.15 -10.26 13.00
C SER A 139 14.19 -8.83 12.49
N ALA A 140 15.20 -8.08 12.93
CA ALA A 140 15.31 -6.65 12.59
C ALA A 140 16.65 -6.30 11.95
N TYR A 141 17.75 -6.63 12.62
CA TYR A 141 19.07 -6.26 12.11
C TYR A 141 19.39 -6.90 10.77
N SER A 142 19.03 -8.17 10.64
CA SER A 142 19.26 -8.95 9.42
C SER A 142 18.80 -8.22 8.17
N PHE A 143 17.80 -7.34 8.32
CA PHE A 143 17.26 -6.60 7.19
C PHE A 143 18.28 -5.59 6.66
N ALA A 144 18.80 -4.76 7.55
CA ALA A 144 19.82 -3.79 7.20
C ALA A 144 21.08 -4.49 6.73
N ALA A 145 21.28 -5.73 7.18
CA ALA A 145 22.46 -6.52 6.80
C ALA A 145 22.36 -6.89 5.33
N LEU A 146 21.21 -7.45 4.96
CA LEU A 146 20.89 -7.76 3.57
C LEU A 146 20.98 -6.53 2.69
N ALA A 147 20.53 -5.40 3.22
CA ALA A 147 20.57 -4.12 2.51
C ALA A 147 22.01 -3.68 2.32
N LYS A 148 22.82 -3.90 3.37
CA LYS A 148 24.21 -3.49 3.40
C LYS A 148 25.01 -4.22 2.31
N GLU A 149 24.84 -5.53 2.25
CA GLU A 149 25.61 -6.35 1.33
C GLU A 149 25.03 -6.37 -0.08
N GLY A 150 23.71 -6.25 -0.19
CA GLY A 150 23.06 -6.29 -1.50
C GLY A 150 23.08 -4.97 -2.24
N ARG A 151 23.50 -3.91 -1.56
CA ARG A 151 23.39 -2.54 -2.05
C ARG A 151 24.02 -2.29 -3.42
N SER A 152 25.20 -2.85 -3.65
CA SER A 152 25.95 -2.57 -4.87
C SER A 152 25.33 -3.27 -6.08
N MET A 153 24.73 -4.44 -5.85
CA MET A 153 24.05 -5.18 -6.89
C MET A 153 22.69 -4.58 -7.26
N MET A 154 22.25 -3.61 -6.46
CA MET A 154 20.91 -3.05 -6.55
C MET A 154 20.91 -1.58 -6.99
N LYS A 155 22.11 -1.01 -7.10
CA LYS A 155 22.26 0.39 -7.52
C LYS A 155 21.56 0.70 -8.84
N ASN A 156 20.87 1.83 -8.87
CA ASN A 156 20.35 2.46 -10.09
C ASN A 156 19.67 1.55 -11.11
N ARG A 157 18.73 0.73 -10.63
CA ARG A 157 17.91 -0.11 -11.51
C ARG A 157 16.47 -0.25 -10.97
N ASN A 158 15.97 0.83 -10.37
CA ASN A 158 14.69 0.80 -9.65
C ASN A 158 14.52 -0.44 -8.78
N ALA A 159 15.50 -0.69 -7.91
CA ALA A 159 15.49 -1.87 -7.08
C ALA A 159 14.53 -1.73 -5.91
N SER A 160 14.32 -2.83 -5.20
CA SER A 160 13.29 -2.90 -4.18
C SER A 160 13.64 -3.81 -3.02
N MET A 161 13.23 -3.41 -1.83
CA MET A 161 13.30 -4.28 -0.67
C MET A 161 11.92 -4.30 -0.03
N VAL A 162 11.49 -5.48 0.41
CA VAL A 162 10.22 -5.63 1.13
C VAL A 162 10.41 -6.54 2.32
N ALA A 163 10.12 -6.03 3.53
CA ALA A 163 10.17 -6.83 4.74
C ALA A 163 8.76 -7.26 5.18
N LEU A 164 8.67 -8.37 5.89
CA LEU A 164 7.38 -8.79 6.47
C LEU A 164 7.28 -8.49 7.96
N THR A 165 6.17 -7.87 8.35
CA THR A 165 5.98 -7.41 9.72
C THR A 165 4.56 -7.71 10.21
N TYR A 166 4.36 -7.59 11.52
CA TYR A 166 3.05 -7.80 12.12
C TYR A 166 2.62 -6.60 12.99
N ILE A 167 1.30 -6.38 13.09
CA ILE A 167 0.74 -5.28 13.89
C ILE A 167 1.19 -5.29 15.37
N GLY A 168 1.74 -6.41 15.83
CA GLY A 168 2.36 -6.50 17.16
C GLY A 168 3.44 -5.47 17.38
N ALA A 169 3.92 -4.88 16.28
CA ALA A 169 4.87 -3.76 16.32
C ALA A 169 4.20 -2.47 16.82
N GLU A 170 2.96 -2.24 16.37
CA GLU A 170 2.21 -1.01 16.64
C GLU A 170 1.57 -1.01 18.02
N LYS A 171 0.92 -2.12 18.35
CA LYS A 171 0.13 -2.26 19.57
C LYS A 171 0.66 -3.42 20.42
N ALA A 172 0.56 -3.27 21.75
CA ALA A 172 0.93 -4.35 22.67
C ALA A 172 -0.12 -5.44 22.61
N MET A 173 0.35 -6.67 22.45
CA MET A 173 -0.52 -7.83 22.31
C MET A 173 -0.13 -8.93 23.28
N PRO A 174 -1.07 -9.84 23.59
CA PRO A 174 -0.68 -11.00 24.40
C PRO A 174 0.18 -11.98 23.58
N SER A 175 1.16 -12.60 24.25
CA SER A 175 2.00 -13.66 23.68
C SER A 175 3.11 -13.19 22.73
N TYR A 176 2.86 -12.14 21.97
CA TYR A 176 3.81 -11.69 20.95
C TYR A 176 5.07 -11.09 21.57
N ASN A 177 4.90 -10.40 22.69
CA ASN A 177 5.99 -9.98 23.56
C ASN A 177 7.24 -9.43 22.85
N THR A 178 8.39 -10.08 23.04
CA THR A 178 9.65 -9.63 22.45
C THR A 178 9.64 -9.59 20.92
N MET A 179 8.88 -10.50 20.30
CA MET A 179 8.69 -10.48 18.86
C MET A 179 8.03 -9.17 18.40
N GLY A 180 7.08 -8.69 19.19
CA GLY A 180 6.42 -7.39 18.95
C GLY A 180 7.38 -6.21 19.00
N VAL A 181 8.28 -6.24 19.97
CA VAL A 181 9.31 -5.20 20.12
C VAL A 181 10.26 -5.28 18.92
N ALA A 182 10.69 -6.49 18.59
CA ALA A 182 11.56 -6.71 17.43
C ALA A 182 10.91 -6.22 16.14
N LYS A 183 9.63 -6.51 15.95
CA LYS A 183 8.92 -6.04 14.77
C LYS A 183 8.91 -4.51 14.66
N ALA A 184 8.80 -3.83 15.81
CA ALA A 184 8.91 -2.36 15.86
C ALA A 184 10.29 -1.90 15.39
N SER A 185 11.31 -2.62 15.86
CA SER A 185 12.69 -2.38 15.43
C SER A 185 12.84 -2.57 13.92
N LEU A 186 12.29 -3.67 13.41
CA LEU A 186 12.28 -3.92 11.97
C LEU A 186 11.68 -2.76 11.17
N GLU A 187 10.53 -2.26 11.61
CA GLU A 187 9.80 -1.22 10.88
C GLU A 187 10.55 0.11 10.80
N ALA A 188 11.24 0.46 11.89
CA ALA A 188 12.10 1.64 11.89
C ALA A 188 13.29 1.43 10.98
N THR A 189 13.79 0.20 10.94
CA THR A 189 14.93 -0.17 10.10
C THR A 189 14.52 -0.06 8.64
N VAL A 190 13.32 -0.55 8.31
CA VAL A 190 12.73 -0.31 7.00
C VAL A 190 12.76 1.19 6.64
N ARG A 191 12.35 2.03 7.59
CA ARG A 191 12.34 3.47 7.36
C ARG A 191 13.73 4.08 7.16
N TYR A 192 14.68 3.73 8.03
CA TYR A 192 16.05 4.22 7.90
C TYR A 192 16.78 3.61 6.68
N THR A 193 16.42 2.38 6.30
CA THR A 193 16.97 1.79 5.10
C THR A 193 16.43 2.50 3.85
N ALA A 194 15.21 3.01 3.93
CA ALA A 194 14.61 3.74 2.81
C ALA A 194 15.31 5.09 2.61
N LEU A 195 15.64 5.76 3.72
CA LEU A 195 16.35 7.02 3.65
C LEU A 195 17.76 6.79 3.11
N ALA A 196 18.40 5.73 3.59
CA ALA A 196 19.75 5.40 3.18
C ALA A 196 19.86 5.01 1.70
N LEU A 197 18.95 4.17 1.23
CA LEU A 197 19.08 3.60 -0.12
C LEU A 197 18.31 4.32 -1.25
N GLY A 198 17.59 5.38 -0.91
CA GLY A 198 16.77 6.08 -1.88
C GLY A 198 17.58 6.81 -2.94
N GLU A 199 18.75 7.30 -2.55
CA GLU A 199 19.69 7.95 -3.46
C GLU A 199 20.19 7.01 -4.57
N ASP A 200 20.05 5.71 -4.36
CA ASP A 200 20.45 4.70 -5.33
C ASP A 200 19.24 4.17 -6.10
N GLY A 201 18.11 4.85 -5.95
CA GLY A 201 16.85 4.46 -6.60
C GLY A 201 16.18 3.21 -6.04
N ILE A 202 16.61 2.77 -4.87
CA ILE A 202 16.08 1.56 -4.24
C ILE A 202 14.92 1.92 -3.33
N LYS A 203 13.82 1.18 -3.45
CA LYS A 203 12.68 1.44 -2.58
C LYS A 203 12.58 0.37 -1.49
N VAL A 204 12.18 0.79 -0.30
CA VAL A 204 12.18 -0.08 0.87
C VAL A 204 10.84 0.04 1.58
N ASN A 205 10.17 -1.09 1.75
CA ASN A 205 8.81 -1.11 2.26
C ASN A 205 8.57 -2.38 3.06
N ALA A 206 7.46 -2.41 3.78
CA ALA A 206 7.07 -3.58 4.56
C ALA A 206 5.61 -3.91 4.33
N VAL A 207 5.28 -5.20 4.41
CA VAL A 207 3.91 -5.65 4.37
C VAL A 207 3.56 -6.19 5.74
N SER A 208 2.57 -5.58 6.37
CA SER A 208 2.09 -6.03 7.66
C SER A 208 0.96 -7.02 7.43
N ALA A 209 1.29 -8.30 7.55
CA ALA A 209 0.34 -9.36 7.24
C ALA A 209 -0.58 -9.64 8.41
N GLY A 210 -1.84 -9.95 8.12
CA GLY A 210 -2.74 -10.52 9.11
C GLY A 210 -2.25 -11.91 9.45
N PRO A 211 -2.73 -12.49 10.57
CA PRO A 211 -2.27 -13.81 10.98
C PRO A 211 -2.59 -14.88 9.94
N ILE A 212 -1.64 -15.77 9.71
CA ILE A 212 -1.75 -16.84 8.70
C ILE A 212 -1.19 -18.11 9.30
N LYS A 213 -1.88 -19.23 9.08
CA LYS A 213 -1.46 -20.53 9.64
C LYS A 213 -0.18 -21.06 8.95
N THR A 214 0.96 -20.82 9.60
CA THR A 214 2.27 -21.20 9.07
C THR A 214 3.10 -21.92 10.15
N LEU A 215 4.34 -22.29 9.80
CA LEU A 215 5.24 -22.95 10.74
C LEU A 215 5.68 -22.04 11.90
N ALA A 216 5.97 -20.77 11.59
CA ALA A 216 6.27 -19.79 12.63
C ALA A 216 5.04 -19.58 13.51
N ALA A 217 3.88 -19.51 12.89
CA ALA A 217 2.60 -19.29 13.56
C ALA A 217 2.26 -20.37 14.60
N SER A 218 2.50 -21.63 14.26
CA SER A 218 2.22 -22.74 15.17
C SER A 218 3.20 -22.77 16.36
N GLY A 219 4.09 -21.78 16.42
CA GLY A 219 4.98 -21.58 17.56
C GLY A 219 4.36 -20.79 18.70
N ILE A 220 3.09 -20.40 18.54
CA ILE A 220 2.30 -19.77 19.61
C ILE A 220 1.02 -20.59 19.88
N SER A 221 0.48 -20.46 21.09
CA SER A 221 -0.48 -21.45 21.63
C SER A 221 -1.88 -21.57 21.01
N ASN A 222 -2.71 -20.55 21.13
CA ASN A 222 -4.12 -20.64 20.67
C ASN A 222 -4.39 -19.93 19.34
N PHE A 223 -3.52 -20.19 18.37
CA PHE A 223 -3.55 -19.51 17.08
C PHE A 223 -4.89 -19.63 16.35
N LYS A 224 -5.50 -20.83 16.38
CA LYS A 224 -6.76 -21.09 15.66
C LYS A 224 -7.84 -20.04 15.97
N LYS A 225 -7.78 -19.48 17.17
CA LYS A 225 -8.78 -18.52 17.64
C LYS A 225 -8.35 -17.06 17.43
N MET A 226 -7.05 -16.78 17.61
CA MET A 226 -6.48 -15.48 17.23
C MET A 226 -6.79 -15.23 15.77
N LEU A 227 -6.71 -16.31 15.00
CA LEU A 227 -7.03 -16.33 13.58
C LEU A 227 -8.53 -16.21 13.38
N ASP A 228 -9.32 -16.74 14.32
CA ASP A 228 -10.78 -16.63 14.24
C ASP A 228 -11.29 -15.27 14.76
N TYR A 229 -10.56 -14.72 15.73
CA TYR A 229 -10.83 -13.36 16.21
C TYR A 229 -10.68 -12.35 15.09
N ASN A 230 -9.56 -12.43 14.37
CA ASN A 230 -9.34 -11.61 13.18
C ASN A 230 -10.47 -11.74 12.19
N ALA A 231 -10.87 -12.98 11.92
CA ALA A 231 -11.94 -13.26 10.96
C ALA A 231 -13.25 -12.60 11.41
N MET A 232 -13.53 -12.68 12.70
CA MET A 232 -14.74 -12.07 13.25
C MET A 232 -14.71 -10.54 13.24
N VAL A 233 -13.63 -9.98 13.74
CA VAL A 233 -13.56 -8.56 14.12
C VAL A 233 -13.15 -7.59 12.99
N SER A 234 -12.53 -8.10 11.94
CA SER A 234 -12.07 -7.23 10.83
C SER A 234 -13.17 -7.00 9.79
N PRO A 235 -13.10 -5.85 9.06
CA PRO A 235 -14.14 -5.39 8.15
C PRO A 235 -14.55 -6.39 7.08
N LEU A 236 -13.59 -7.09 6.47
CA LEU A 236 -13.90 -8.04 5.40
C LEU A 236 -14.28 -9.41 5.97
N LYS A 237 -14.35 -9.48 7.29
CA LYS A 237 -14.74 -10.69 8.02
C LYS A 237 -14.06 -11.92 7.43
N LYS A 238 -12.73 -11.94 7.50
CA LYS A 238 -11.95 -13.08 6.98
C LYS A 238 -10.50 -13.06 7.43
N ASN A 239 -9.78 -14.11 7.04
CA ASN A 239 -8.34 -14.16 7.17
C ASN A 239 -7.71 -13.98 5.81
N VAL A 240 -6.50 -13.44 5.79
CA VAL A 240 -5.75 -13.29 4.55
C VAL A 240 -5.01 -14.59 4.23
N ASP A 241 -4.91 -14.92 2.93
CA ASP A 241 -4.08 -16.03 2.49
C ASP A 241 -2.74 -15.55 1.94
N ILE A 242 -1.80 -16.49 1.78
CA ILE A 242 -0.43 -16.18 1.36
C ILE A 242 -0.35 -15.58 -0.04
N MET A 243 -1.42 -15.77 -0.82
CA MET A 243 -1.51 -15.14 -2.13
C MET A 243 -1.83 -13.65 -2.03
N GLU A 244 -2.75 -13.28 -1.15
CA GLU A 244 -3.02 -11.86 -0.86
C GLU A 244 -1.76 -11.10 -0.41
N VAL A 245 -1.01 -11.70 0.52
CA VAL A 245 0.26 -11.13 0.97
C VAL A 245 1.28 -11.17 -0.17
N GLY A 246 1.39 -12.35 -0.79
CA GLY A 246 2.31 -12.59 -1.90
C GLY A 246 2.15 -11.61 -3.02
N ASN A 247 0.91 -11.48 -3.50
CA ASN A 247 0.60 -10.50 -4.55
C ASN A 247 0.94 -9.06 -4.19
N THR A 248 0.89 -8.72 -2.89
CA THR A 248 1.20 -7.35 -2.48
C THR A 248 2.70 -7.11 -2.53
N VAL A 249 3.47 -8.08 -2.02
CA VAL A 249 4.92 -8.00 -2.07
C VAL A 249 5.37 -7.83 -3.53
N ALA A 250 4.85 -8.69 -4.40
CA ALA A 250 5.08 -8.58 -5.84
C ALA A 250 4.92 -7.15 -6.35
N PHE A 251 3.77 -6.53 -6.06
CA PHE A 251 3.51 -5.18 -6.48
C PHE A 251 4.57 -4.20 -6.01
N LEU A 252 5.01 -4.38 -4.77
CA LEU A 252 5.95 -3.47 -4.14
C LEU A 252 7.37 -3.62 -4.70
N CYS A 253 7.59 -4.69 -5.46
CA CYS A 253 8.82 -4.89 -6.21
C CYS A 253 8.67 -4.57 -7.70
N SER A 254 7.58 -3.92 -8.08
CA SER A 254 7.36 -3.60 -9.50
C SER A 254 7.65 -2.13 -9.84
N ASP A 255 7.76 -1.83 -11.12
CA ASP A 255 7.95 -0.47 -11.60
C ASP A 255 6.74 0.41 -11.31
N MET A 256 5.62 -0.24 -10.97
CA MET A 256 4.36 0.45 -10.66
C MET A 256 4.40 1.12 -9.29
N ALA A 257 5.25 0.59 -8.41
CA ALA A 257 5.35 1.08 -7.04
C ALA A 257 6.55 2.01 -6.80
N THR A 258 7.12 2.59 -7.86
CA THR A 258 8.32 3.43 -7.73
C THR A 258 8.08 4.76 -7.01
N GLY A 259 6.83 5.05 -6.63
CA GLY A 259 6.53 6.23 -5.84
C GLY A 259 6.42 5.93 -4.36
N ILE A 260 6.60 4.66 -4.01
CA ILE A 260 6.34 4.15 -2.66
C ILE A 260 7.64 3.70 -2.02
N THR A 261 7.96 4.33 -0.89
CA THR A 261 9.06 3.85 -0.02
C THR A 261 8.86 4.27 1.44
N GLY A 262 9.49 3.52 2.34
CA GLY A 262 9.38 3.73 3.79
C GLY A 262 8.01 3.40 4.38
N GLU A 263 7.25 2.59 3.65
CA GLU A 263 5.83 2.39 3.92
C GLU A 263 5.49 1.01 4.48
N VAL A 264 4.39 0.94 5.23
CA VAL A 264 3.86 -0.29 5.76
C VAL A 264 2.44 -0.47 5.22
N VAL A 265 2.29 -1.43 4.33
CA VAL A 265 0.98 -1.75 3.78
C VAL A 265 0.40 -2.90 4.57
N HIS A 266 -0.75 -2.68 5.19
CA HIS A 266 -1.45 -3.73 5.93
C HIS A 266 -2.21 -4.63 5.01
N VAL A 267 -1.91 -5.93 5.09
CA VAL A 267 -2.68 -6.95 4.39
C VAL A 267 -3.22 -7.87 5.48
N ASP A 268 -4.36 -7.47 6.05
CA ASP A 268 -4.89 -8.10 7.24
C ASP A 268 -6.43 -8.12 7.26
N ALA A 269 -7.02 -8.00 6.06
CA ALA A 269 -8.48 -7.94 5.91
C ALA A 269 -9.09 -6.73 6.63
N GLY A 270 -8.26 -5.69 6.82
CA GLY A 270 -8.72 -4.42 7.40
C GLY A 270 -8.64 -4.34 8.91
N TYR A 271 -8.12 -5.39 9.54
CA TYR A 271 -8.00 -5.45 11.00
C TYR A 271 -7.45 -4.16 11.62
N HIS A 272 -6.46 -3.56 10.97
CA HIS A 272 -5.68 -2.45 11.53
C HIS A 272 -6.50 -1.22 11.80
N CYS A 273 -7.58 -1.04 11.04
CA CYS A 273 -8.32 0.20 11.05
C CYS A 273 -9.54 0.20 11.96
N VAL A 274 -9.77 -0.89 12.69
CA VAL A 274 -10.93 -0.95 13.60
C VAL A 274 -10.57 -1.09 15.08
N SER A 275 -11.52 -0.72 15.93
CA SER A 275 -11.44 -0.91 17.36
C SER A 275 -12.84 -1.28 17.82
N MET A 276 -12.95 -2.22 18.76
CA MET A 276 -14.25 -2.63 19.30
C MET A 276 -15.22 -3.18 18.23
N GLY A 277 -14.69 -3.54 17.06
CA GLY A 277 -15.50 -3.97 15.91
C GLY A 277 -16.21 -5.29 16.14
N ASN A 278 -16.32 -5.67 17.42
CA ASN A 278 -16.91 -6.95 17.82
C ASN A 278 -18.15 -6.81 18.69
N VAL A 279 -18.73 -5.60 18.73
CA VAL A 279 -19.97 -5.29 19.48
C VAL A 279 -20.31 -6.35 20.52
N GLY B 22 -4.66 -8.05 -18.71
CA GLY B 22 -4.39 -7.04 -17.64
C GLY B 22 -5.07 -7.44 -16.34
N PHE B 23 -4.54 -6.99 -15.21
CA PHE B 23 -5.07 -7.41 -13.90
C PHE B 23 -6.42 -6.75 -13.53
N LEU B 24 -6.98 -5.97 -14.45
CA LEU B 24 -8.31 -5.36 -14.25
C LEU B 24 -9.28 -5.70 -15.38
N ALA B 25 -9.05 -6.86 -16.02
CA ALA B 25 -9.77 -7.29 -17.22
C ALA B 25 -11.23 -7.54 -16.94
N GLY B 26 -12.09 -6.80 -17.63
CA GLY B 26 -13.53 -6.97 -17.53
C GLY B 26 -14.17 -6.26 -16.34
N LYS B 27 -13.35 -5.67 -15.49
CA LYS B 27 -13.85 -4.93 -14.33
C LYS B 27 -14.46 -3.60 -14.73
N LYS B 28 -15.58 -3.25 -14.10
CA LYS B 28 -16.31 -2.03 -14.40
C LYS B 28 -16.04 -0.99 -13.33
N ILE B 29 -15.35 0.07 -13.72
CA ILE B 29 -14.88 1.05 -12.77
C ILE B 29 -15.31 2.46 -13.15
N LEU B 30 -15.83 3.19 -12.16
CA LEU B 30 -16.20 4.59 -12.31
C LEU B 30 -15.06 5.49 -11.83
N ILE B 31 -14.72 6.49 -12.63
CA ILE B 31 -13.67 7.46 -12.31
C ILE B 31 -14.22 8.88 -12.25
N THR B 32 -14.06 9.50 -11.08
CA THR B 32 -14.46 10.88 -10.87
C THR B 32 -13.23 11.78 -10.95
N GLY B 33 -13.47 13.07 -11.14
CA GLY B 33 -12.41 14.06 -11.06
C GLY B 33 -11.40 14.07 -12.19
N LEU B 34 -11.81 13.64 -13.38
CA LEU B 34 -11.01 13.85 -14.57
C LEU B 34 -11.37 15.21 -15.15
N LEU B 35 -10.38 16.07 -15.22
CA LEU B 35 -10.58 17.47 -15.61
C LEU B 35 -9.54 17.91 -16.62
N SER B 36 -8.38 17.25 -16.61
CA SER B 36 -7.26 17.67 -17.40
C SER B 36 -6.33 16.54 -17.83
N ASN B 37 -5.53 16.84 -18.84
CA ASN B 37 -4.38 16.07 -19.27
C ASN B 37 -3.45 15.72 -18.10
N LYS B 38 -3.45 16.59 -17.08
CA LYS B 38 -2.54 16.53 -15.94
C LYS B 38 -3.19 15.91 -14.68
N SER B 39 -4.52 15.84 -14.64
CA SER B 39 -5.27 15.28 -13.52
C SER B 39 -4.74 13.92 -13.06
N ILE B 40 -4.80 13.67 -11.75
CA ILE B 40 -4.45 12.36 -11.20
C ILE B 40 -5.35 11.29 -11.81
N ALA B 41 -6.64 11.61 -11.92
CA ALA B 41 -7.64 10.77 -12.60
C ALA B 41 -7.21 10.34 -14.01
N TYR B 42 -6.60 11.26 -14.76
CA TYR B 42 -6.06 10.91 -16.07
C TYR B 42 -5.06 9.77 -15.96
N GLY B 43 -4.14 9.87 -15.01
CA GLY B 43 -3.15 8.84 -14.77
C GLY B 43 -3.79 7.52 -14.35
N ILE B 44 -4.77 7.61 -13.45
CA ILE B 44 -5.55 6.45 -13.02
C ILE B 44 -6.22 5.76 -14.21
N ALA B 45 -6.78 6.55 -15.12
CA ALA B 45 -7.46 6.02 -16.29
C ALA B 45 -6.48 5.26 -17.17
N LYS B 46 -5.38 5.94 -17.56
CA LYS B 46 -4.30 5.32 -18.34
C LYS B 46 -3.90 3.96 -17.80
N ALA B 47 -3.69 3.88 -16.48
CA ALA B 47 -3.31 2.64 -15.80
C ALA B 47 -4.39 1.58 -15.90
N MET B 48 -5.63 1.95 -15.59
CA MET B 48 -6.78 1.03 -15.63
C MET B 48 -7.14 0.57 -17.04
N HIS B 49 -7.02 1.45 -18.02
CA HIS B 49 -7.25 1.08 -19.43
C HIS B 49 -6.25 0.02 -19.84
N ARG B 50 -4.96 0.33 -19.69
CA ARG B 50 -3.86 -0.61 -19.93
C ARG B 50 -4.11 -1.98 -19.29
N GLU B 51 -4.78 -2.00 -18.15
CA GLU B 51 -5.06 -3.26 -17.44
C GLU B 51 -6.41 -3.88 -17.77
N GLY B 52 -7.11 -3.32 -18.77
CA GLY B 52 -8.30 -3.91 -19.37
C GLY B 52 -9.63 -3.67 -18.66
N ALA B 53 -9.76 -2.53 -18.02
CA ALA B 53 -10.99 -2.17 -17.32
C ALA B 53 -11.92 -1.41 -18.24
N GLU B 54 -13.22 -1.66 -18.09
CA GLU B 54 -14.23 -0.83 -18.73
C GLU B 54 -14.48 0.33 -17.80
N LEU B 55 -14.35 1.53 -18.33
CA LEU B 55 -14.35 2.73 -17.52
C LEU B 55 -15.54 3.65 -17.79
N ALA B 56 -16.03 4.28 -16.74
CA ALA B 56 -16.99 5.37 -16.88
C ALA B 56 -16.47 6.60 -16.13
N PHE B 57 -16.77 7.78 -16.67
CA PHE B 57 -16.27 9.04 -16.12
C PHE B 57 -17.40 10.00 -15.75
N THR B 58 -17.20 10.77 -14.68
CA THR B 58 -18.10 11.86 -14.32
C THR B 58 -17.50 13.22 -14.71
N TYR B 59 -18.35 14.25 -14.72
CA TYR B 59 -17.93 15.63 -14.98
C TYR B 59 -18.89 16.61 -14.32
N VAL B 60 -18.40 17.82 -14.07
CA VAL B 60 -19.22 18.87 -13.49
C VAL B 60 -19.71 19.86 -14.53
N GLY B 61 -20.92 20.37 -14.31
CA GLY B 61 -21.53 21.42 -15.12
C GLY B 61 -21.03 21.58 -16.54
N GLN B 62 -20.23 22.62 -16.75
CA GLN B 62 -19.87 23.05 -18.11
C GLN B 62 -18.51 22.53 -18.60
N PHE B 63 -18.07 21.41 -18.04
CA PHE B 63 -16.83 20.76 -18.50
C PHE B 63 -17.13 19.56 -19.40
N LYS B 64 -18.42 19.34 -19.66
CA LYS B 64 -18.90 18.24 -20.49
C LYS B 64 -17.99 17.96 -21.69
N ASP B 65 -17.81 18.98 -22.54
CA ASP B 65 -17.07 18.85 -23.79
C ASP B 65 -15.60 18.50 -23.57
N ARG B 66 -14.99 19.15 -22.59
CA ARG B 66 -13.59 18.89 -22.19
C ARG B 66 -13.36 17.43 -21.84
N VAL B 67 -14.16 16.93 -20.91
CA VAL B 67 -14.03 15.58 -20.37
C VAL B 67 -14.35 14.50 -21.42
N GLU B 68 -15.39 14.72 -22.20
CA GLU B 68 -15.75 13.81 -23.29
C GLU B 68 -14.61 13.63 -24.29
N LYS B 69 -13.99 14.72 -24.70
CA LYS B 69 -12.83 14.66 -25.58
C LYS B 69 -11.62 14.00 -24.90
N LEU B 70 -11.30 14.42 -23.68
CA LEU B 70 -10.15 13.91 -22.93
C LEU B 70 -10.17 12.40 -22.80
N CYS B 71 -11.30 11.86 -22.36
CA CYS B 71 -11.40 10.45 -22.02
C CYS B 71 -11.85 9.53 -23.16
N ALA B 72 -12.13 10.12 -24.32
CA ALA B 72 -12.49 9.38 -25.53
C ALA B 72 -11.54 8.20 -25.75
N GLU B 73 -10.24 8.49 -25.73
CA GLU B 73 -9.19 7.47 -25.89
C GLU B 73 -9.34 6.25 -24.99
N PHE B 74 -10.13 6.39 -23.92
CA PHE B 74 -10.29 5.31 -22.94
C PHE B 74 -11.51 4.43 -23.17
N ASN B 75 -12.25 4.68 -24.26
CA ASN B 75 -13.42 3.90 -24.64
C ASN B 75 -14.53 3.83 -23.60
N PRO B 76 -14.89 4.97 -23.00
CA PRO B 76 -15.74 4.89 -21.83
C PRO B 76 -17.13 4.33 -22.15
N ALA B 77 -17.65 3.48 -21.27
CA ALA B 77 -19.00 2.96 -21.37
C ALA B 77 -20.05 4.04 -21.09
N ALA B 78 -19.62 5.13 -20.45
CA ALA B 78 -20.47 6.29 -20.15
C ALA B 78 -19.67 7.51 -19.67
N VAL B 79 -20.13 8.70 -20.03
CA VAL B 79 -19.59 9.96 -19.53
C VAL B 79 -20.76 10.81 -19.03
N LEU B 80 -20.97 10.77 -17.71
CA LEU B 80 -22.20 11.29 -17.09
C LEU B 80 -21.97 12.48 -16.15
N PRO B 81 -22.98 13.37 -16.02
CA PRO B 81 -22.84 14.53 -15.14
C PRO B 81 -23.00 14.17 -13.67
N CYS B 82 -22.11 14.69 -12.82
CA CYS B 82 -22.21 14.51 -11.37
C CYS B 82 -21.47 15.57 -10.58
N ASP B 83 -22.23 16.55 -10.10
CA ASP B 83 -21.74 17.53 -9.14
C ASP B 83 -22.06 17.00 -7.75
N VAL B 84 -21.04 16.53 -7.03
CA VAL B 84 -21.24 15.86 -5.74
C VAL B 84 -21.83 16.75 -4.65
N ILE B 85 -22.11 18.01 -5.00
CA ILE B 85 -22.83 18.91 -4.11
C ILE B 85 -24.30 18.51 -4.00
N SER B 86 -24.81 17.88 -5.06
CA SER B 86 -26.21 17.45 -5.15
C SER B 86 -26.40 15.96 -4.89
N ASP B 87 -27.21 15.65 -3.88
CA ASP B 87 -27.60 14.27 -3.58
C ASP B 87 -28.36 13.65 -4.74
N GLN B 88 -29.14 14.49 -5.44
CA GLN B 88 -29.97 14.04 -6.55
C GLN B 88 -29.11 13.53 -7.70
N GLU B 89 -28.11 14.32 -8.09
CA GLU B 89 -27.21 13.95 -9.18
C GLU B 89 -26.43 12.66 -8.88
N ILE B 90 -26.00 12.50 -7.64
CA ILE B 90 -25.32 11.27 -7.24
C ILE B 90 -26.26 10.07 -7.38
N LYS B 91 -27.52 10.24 -7.00
CA LYS B 91 -28.52 9.18 -7.12
C LYS B 91 -28.82 8.87 -8.58
N ASP B 92 -28.91 9.92 -9.41
CA ASP B 92 -29.17 9.79 -10.84
C ASP B 92 -28.00 9.14 -11.57
N LEU B 93 -26.79 9.38 -11.08
CA LEU B 93 -25.58 8.81 -11.66
C LEU B 93 -25.65 7.28 -11.68
N PHE B 94 -26.12 6.70 -10.58
CA PHE B 94 -26.16 5.24 -10.48
C PHE B 94 -27.38 4.62 -11.14
N VAL B 95 -28.35 5.48 -11.46
CA VAL B 95 -29.51 5.08 -12.25
C VAL B 95 -29.08 4.94 -13.70
N GLU B 96 -28.50 6.01 -14.27
CA GLU B 96 -28.00 6.00 -15.64
C GLU B 96 -26.91 4.97 -15.84
N LEU B 97 -26.01 4.85 -14.86
CA LEU B 97 -24.93 3.89 -14.91
C LEU B 97 -25.45 2.48 -14.83
N GLY B 98 -26.46 2.28 -13.98
CA GLY B 98 -27.09 0.97 -13.77
C GLY B 98 -27.81 0.45 -14.99
N LYS B 99 -28.12 1.36 -15.91
CA LYS B 99 -28.71 1.00 -17.19
C LYS B 99 -27.70 0.29 -18.09
N VAL B 100 -26.52 0.88 -18.25
CA VAL B 100 -25.48 0.33 -19.12
C VAL B 100 -24.60 -0.75 -18.50
N TRP B 101 -24.62 -0.85 -17.16
CA TRP B 101 -23.89 -1.90 -16.45
C TRP B 101 -24.75 -2.65 -15.50
N ASP B 102 -24.52 -3.96 -15.42
CA ASP B 102 -25.25 -4.82 -14.50
C ASP B 102 -24.80 -4.49 -13.07
N GLY B 103 -23.55 -4.82 -12.79
CA GLY B 103 -22.91 -4.45 -11.52
C GLY B 103 -21.74 -3.51 -11.77
N LEU B 104 -21.08 -3.10 -10.70
CA LEU B 104 -19.95 -2.17 -10.76
C LEU B 104 -18.85 -2.64 -9.82
N ASP B 105 -17.61 -2.69 -10.32
CA ASP B 105 -16.49 -3.25 -9.55
C ASP B 105 -15.77 -2.24 -8.65
N ALA B 106 -15.61 -1.00 -9.11
CA ALA B 106 -14.88 0.00 -8.33
C ALA B 106 -15.34 1.45 -8.52
N ILE B 107 -15.20 2.24 -7.46
CA ILE B 107 -15.38 3.69 -7.56
C ILE B 107 -14.08 4.39 -7.19
N VAL B 108 -13.64 5.32 -8.04
CA VAL B 108 -12.46 6.11 -7.77
C VAL B 108 -12.81 7.55 -7.45
N HIS B 109 -12.66 7.90 -6.17
CA HIS B 109 -12.89 9.26 -5.71
C HIS B 109 -11.62 10.05 -5.83
N SER B 110 -11.68 11.09 -6.65
CA SER B 110 -10.56 11.96 -6.91
C SER B 110 -11.13 13.38 -7.07
N ILE B 111 -11.76 13.84 -5.98
CA ILE B 111 -12.50 15.10 -5.93
C ILE B 111 -12.12 15.85 -4.66
N ALA B 112 -11.77 17.12 -4.81
CA ALA B 112 -11.55 17.98 -3.65
C ALA B 112 -11.83 19.44 -4.00
N PHE B 113 -12.42 20.16 -3.06
CA PHE B 113 -12.60 21.60 -3.20
C PHE B 113 -12.73 22.31 -1.86
N ALA B 114 -12.19 23.52 -1.79
CA ALA B 114 -12.44 24.47 -0.71
C ALA B 114 -12.40 25.86 -1.31
N PRO B 115 -13.23 26.79 -0.80
CA PRO B 115 -13.20 28.15 -1.33
C PRO B 115 -11.78 28.72 -1.18
N ARG B 116 -11.31 29.44 -2.21
CA ARG B 116 -9.95 30.00 -2.22
C ARG B 116 -9.55 30.79 -0.97
N ASP B 117 -10.51 31.46 -0.34
CA ASP B 117 -10.22 32.24 0.88
C ASP B 117 -9.75 31.35 2.05
N GLN B 118 -9.89 30.04 1.88
CA GLN B 118 -9.53 29.07 2.91
C GLN B 118 -8.08 28.61 2.84
N LEU B 119 -7.37 28.99 1.78
CA LEU B 119 -6.03 28.46 1.54
C LEU B 119 -4.93 29.52 1.59
N GLU B 120 -5.30 30.72 2.05
CA GLU B 120 -4.35 31.82 2.12
C GLU B 120 -3.84 31.97 3.55
N GLY B 121 -2.54 31.85 3.73
CA GLY B 121 -1.89 32.17 5.01
C GLY B 121 -2.40 31.45 6.25
N ASN B 122 -2.72 32.25 7.27
CA ASN B 122 -2.96 31.75 8.64
C ASN B 122 -4.31 31.04 8.82
N PHE B 123 -4.25 29.78 9.26
CA PHE B 123 -5.44 28.95 9.37
C PHE B 123 -6.58 29.61 10.14
N ILE B 124 -6.28 30.14 11.33
CA ILE B 124 -7.30 30.71 12.20
C ILE B 124 -7.81 32.06 11.67
N ASP B 125 -6.95 32.76 10.95
CA ASP B 125 -7.37 33.96 10.23
C ASP B 125 -8.38 33.61 9.14
N CYS B 126 -7.99 32.70 8.25
CA CYS B 126 -8.70 32.43 7.00
CA CYS B 126 -8.72 32.45 7.01
C CYS B 126 -9.93 31.53 7.13
N VAL B 127 -9.93 30.66 8.15
CA VAL B 127 -11.01 29.70 8.33
C VAL B 127 -12.38 30.37 8.54
N THR B 128 -13.43 29.79 7.94
CA THR B 128 -14.80 30.28 8.14
C THR B 128 -15.76 29.11 8.31
N ARG B 129 -16.91 29.35 8.93
CA ARG B 129 -17.88 28.28 9.17
C ARG B 129 -18.36 27.64 7.87
N GLU B 130 -18.55 28.47 6.84
CA GLU B 130 -19.05 27.97 5.56
C GLU B 130 -17.98 27.28 4.73
N GLY B 131 -16.79 27.87 4.68
CA GLY B 131 -15.65 27.26 3.98
C GLY B 131 -15.30 25.90 4.54
N PHE B 132 -15.42 25.78 5.86
CA PHE B 132 -15.18 24.54 6.56
C PHE B 132 -16.24 23.52 6.16
N SER B 133 -17.49 23.96 6.15
CA SER B 133 -18.62 23.12 5.76
C SER B 133 -18.51 22.66 4.31
N ILE B 134 -18.29 23.61 3.40
CA ILE B 134 -18.22 23.35 1.96
C ILE B 134 -17.07 22.40 1.63
N ALA B 135 -15.94 22.57 2.29
CA ALA B 135 -14.77 21.75 2.01
C ALA B 135 -15.01 20.30 2.40
N HIS B 136 -15.69 20.10 3.54
CA HIS B 136 -15.98 18.76 4.05
C HIS B 136 -17.05 18.09 3.23
N ASP B 137 -18.05 18.88 2.85
CA ASP B 137 -19.15 18.42 2.02
C ASP B 137 -18.64 17.78 0.72
N ILE B 138 -17.74 18.48 0.03
CA ILE B 138 -17.26 18.08 -1.28
C ILE B 138 -16.07 17.13 -1.22
N SER B 139 -15.18 17.35 -0.26
CA SER B 139 -13.93 16.61 -0.21
C SER B 139 -13.99 15.34 0.62
N ALA B 140 -14.95 15.26 1.52
CA ALA B 140 -15.05 14.15 2.47
C ALA B 140 -16.39 13.44 2.40
N TYR B 141 -17.49 14.19 2.55
CA TYR B 141 -18.82 13.58 2.58
C TYR B 141 -19.17 12.87 1.27
N SER B 142 -18.82 13.51 0.17
CA SER B 142 -19.09 13.00 -1.17
C SER B 142 -18.65 11.56 -1.33
N PHE B 143 -17.65 11.14 -0.56
CA PHE B 143 -17.15 9.79 -0.65
C PHE B 143 -18.16 8.79 -0.12
N ALA B 144 -18.65 9.04 1.10
CA ALA B 144 -19.67 8.19 1.71
C ALA B 144 -20.96 8.24 0.91
N ALA B 145 -21.17 9.34 0.18
CA ALA B 145 -22.35 9.50 -0.67
C ALA B 145 -22.28 8.54 -1.85
N LEU B 146 -21.15 8.56 -2.55
CA LEU B 146 -20.88 7.62 -3.64
C LEU B 146 -20.96 6.17 -3.17
N ALA B 147 -20.48 5.92 -1.96
CA ALA B 147 -20.54 4.60 -1.36
C ALA B 147 -21.98 4.20 -1.08
N LYS B 148 -22.76 5.16 -0.59
CA LYS B 148 -24.16 4.97 -0.23
C LYS B 148 -24.97 4.55 -1.45
N GLU B 149 -24.87 5.32 -2.52
CA GLU B 149 -25.63 5.06 -3.73
C GLU B 149 -25.07 3.92 -4.59
N GLY B 150 -23.76 3.74 -4.58
CA GLY B 150 -23.13 2.71 -5.41
C GLY B 150 -23.17 1.32 -4.79
N ARG B 151 -23.55 1.26 -3.51
CA ARG B 151 -23.44 0.04 -2.70
C ARG B 151 -24.12 -1.20 -3.30
N SER B 152 -25.31 -1.03 -3.87
CA SER B 152 -26.08 -2.16 -4.36
C SER B 152 -25.48 -2.74 -5.64
N MET B 153 -24.91 -1.86 -6.47
CA MET B 153 -24.24 -2.27 -7.70
C MET B 153 -22.89 -2.96 -7.45
N MET B 154 -22.42 -2.88 -6.20
CA MET B 154 -21.08 -3.33 -5.83
C MET B 154 -21.09 -4.56 -4.93
N LYS B 155 -22.28 -4.99 -4.52
CA LYS B 155 -22.45 -6.14 -3.65
C LYS B 155 -21.77 -7.40 -4.17
N ASN B 156 -21.05 -8.08 -3.27
CA ASN B 156 -20.56 -9.44 -3.49
C ASN B 156 -19.92 -9.74 -4.85
N ARG B 157 -18.99 -8.88 -5.26
CA ARG B 157 -18.18 -9.11 -6.45
C ARG B 157 -16.74 -8.62 -6.28
N ASN B 158 -16.21 -8.77 -5.07
CA ASN B 158 -14.92 -8.20 -4.70
C ASN B 158 -14.73 -6.78 -5.19
N ALA B 159 -15.68 -5.91 -4.86
CA ALA B 159 -15.65 -4.53 -5.33
C ALA B 159 -14.68 -3.67 -4.54
N SER B 160 -14.44 -2.46 -5.03
CA SER B 160 -13.39 -1.60 -4.52
C SER B 160 -13.77 -0.13 -4.53
N MET B 161 -13.32 0.59 -3.51
CA MET B 161 -13.35 2.05 -3.50
C MET B 161 -11.95 2.58 -3.18
N VAL B 162 -11.53 3.63 -3.86
CA VAL B 162 -10.24 4.27 -3.58
C VAL B 162 -10.41 5.79 -3.60
N ALA B 163 -10.08 6.43 -2.49
CA ALA B 163 -10.09 7.89 -2.40
C ALA B 163 -8.68 8.48 -2.49
N LEU B 164 -8.57 9.71 -3.00
CA LEU B 164 -7.28 10.38 -3.02
C LEU B 164 -7.16 11.41 -1.94
N THR B 165 -6.05 11.35 -1.20
CA THR B 165 -5.84 12.19 -0.04
C THR B 165 -4.41 12.73 -0.03
N TYR B 166 -4.15 13.68 0.86
CA TYR B 166 -2.82 14.30 1.00
C TYR B 166 -2.36 14.31 2.46
N ILE B 167 -1.04 14.28 2.68
CA ILE B 167 -0.44 14.22 4.02
C ILE B 167 -0.85 15.42 4.91
N GLY B 168 -1.41 16.46 4.28
CA GLY B 168 -2.03 17.58 5.00
C GLY B 168 -3.08 17.13 6.02
N ALA B 169 -3.58 15.90 5.84
CA ALA B 169 -4.50 15.28 6.79
C ALA B 169 -3.81 14.90 8.11
N GLU B 170 -2.59 14.38 8.02
CA GLU B 170 -1.82 13.88 9.15
C GLU B 170 -1.15 14.99 9.95
N LYS B 171 -0.49 15.90 9.24
CA LYS B 171 0.31 16.96 9.86
C LYS B 171 -0.18 18.34 9.43
N ALA B 172 -0.06 19.32 10.32
CA ALA B 172 -0.40 20.71 10.03
C ALA B 172 0.62 21.31 9.07
N MET B 173 0.13 21.92 8.00
CA MET B 173 1.01 22.47 6.97
C MET B 173 0.62 23.92 6.67
N PRO B 174 1.55 24.70 6.09
CA PRO B 174 1.17 26.03 5.63
C PRO B 174 0.27 25.94 4.40
N SER B 175 -0.67 26.89 4.31
CA SER B 175 -1.56 27.07 3.14
C SER B 175 -2.70 26.04 3.01
N TYR B 176 -2.42 24.78 3.36
CA TYR B 176 -3.39 23.70 3.16
C TYR B 176 -4.64 23.85 4.03
N ASN B 177 -4.44 24.32 5.26
CA ASN B 177 -5.52 24.82 6.12
C ASN B 177 -6.76 23.93 6.15
N THR B 178 -7.92 24.50 5.77
CA THR B 178 -9.21 23.79 5.80
C THR B 178 -9.22 22.52 4.93
N MET B 179 -8.47 22.54 3.84
CA MET B 179 -8.32 21.36 2.99
C MET B 179 -7.67 20.20 3.74
N GLY B 180 -6.69 20.54 4.58
CA GLY B 180 -6.03 19.56 5.45
C GLY B 180 -6.99 18.90 6.42
N VAL B 181 -7.86 19.73 7.03
CA VAL B 181 -8.87 19.25 7.98
C VAL B 181 -9.86 18.36 7.25
N ALA B 182 -10.33 18.82 6.09
CA ALA B 182 -11.21 18.04 5.23
C ALA B 182 -10.59 16.70 4.84
N LYS B 183 -9.32 16.70 4.45
CA LYS B 183 -8.62 15.44 4.13
C LYS B 183 -8.61 14.45 5.29
N ALA B 184 -8.49 14.96 6.52
CA ALA B 184 -8.56 14.11 7.71
C ALA B 184 -9.95 13.50 7.86
N SER B 185 -10.96 14.33 7.64
CA SER B 185 -12.34 13.86 7.56
C SER B 185 -12.53 12.76 6.51
N LEU B 186 -11.99 13.00 5.31
CA LEU B 186 -12.00 11.99 4.24
C LEU B 186 -11.40 10.65 4.68
N GLU B 187 -10.25 10.70 5.34
CA GLU B 187 -9.53 9.49 5.72
C GLU B 187 -10.29 8.65 6.77
N ALA B 188 -10.96 9.32 7.70
CA ALA B 188 -11.81 8.64 8.67
C ALA B 188 -13.03 8.04 7.98
N THR B 189 -13.56 8.78 7.01
CA THR B 189 -14.70 8.32 6.22
C THR B 189 -14.31 7.07 5.46
N VAL B 190 -13.12 7.07 4.85
CA VAL B 190 -12.57 5.86 4.25
C VAL B 190 -12.59 4.69 5.25
N ARG B 191 -12.16 4.94 6.48
CA ARG B 191 -12.13 3.89 7.50
C ARG B 191 -13.51 3.39 7.89
N TYR B 192 -14.45 4.31 8.13
CA TYR B 192 -15.82 3.96 8.47
C TYR B 192 -16.59 3.37 7.29
N THR B 193 -16.25 3.77 6.06
CA THR B 193 -16.84 3.16 4.88
C THR B 193 -16.32 1.73 4.69
N ALA B 194 -15.12 1.46 5.18
CA ALA B 194 -14.52 0.13 5.05
C ALA B 194 -15.17 -0.85 6.02
N LEU B 195 -15.48 -0.35 7.22
CA LEU B 195 -16.18 -1.16 8.22
C LEU B 195 -17.60 -1.41 7.75
N ALA B 196 -18.23 -0.38 7.18
CA ALA B 196 -19.61 -0.49 6.69
C ALA B 196 -19.75 -1.48 5.54
N LEU B 197 -18.87 -1.35 4.54
CA LEU B 197 -19.03 -2.11 3.28
C LEU B 197 -18.27 -3.46 3.20
N GLY B 198 -17.51 -3.80 4.23
CA GLY B 198 -16.73 -5.04 4.23
C GLY B 198 -17.55 -6.31 4.18
N GLU B 199 -18.72 -6.28 4.83
CA GLU B 199 -19.68 -7.39 4.82
C GLU B 199 -20.21 -7.72 3.40
N ASP B 200 -20.11 -6.76 2.48
CA ASP B 200 -20.52 -6.95 1.09
C ASP B 200 -19.33 -7.26 0.20
N GLY B 201 -18.18 -7.56 0.83
CA GLY B 201 -16.94 -7.87 0.11
C GLY B 201 -16.29 -6.69 -0.60
N ILE B 202 -16.71 -5.47 -0.24
CA ILE B 202 -16.16 -4.26 -0.86
C ILE B 202 -14.96 -3.78 -0.04
N LYS B 203 -13.87 -3.47 -0.72
CA LYS B 203 -12.71 -2.91 -0.04
C LYS B 203 -12.58 -1.41 -0.28
N VAL B 204 -12.21 -0.69 0.78
CA VAL B 204 -12.17 0.77 0.76
C VAL B 204 -10.80 1.25 1.25
N ASN B 205 -10.15 2.06 0.44
CA ASN B 205 -8.76 2.46 0.68
C ASN B 205 -8.50 3.85 0.12
N ALA B 206 -7.39 4.46 0.55
CA ALA B 206 -6.99 5.75 0.03
C ALA B 206 -5.53 5.75 -0.41
N VAL B 207 -5.24 6.57 -1.40
CA VAL B 207 -3.86 6.79 -1.82
C VAL B 207 -3.50 8.22 -1.43
N SER B 208 -2.45 8.34 -0.62
CA SER B 208 -1.97 9.65 -0.21
C SER B 208 -0.84 10.02 -1.13
N ALA B 209 -1.15 10.87 -2.10
CA ALA B 209 -0.24 11.22 -3.16
C ALA B 209 0.70 12.34 -2.74
N GLY B 210 1.93 12.27 -3.20
CA GLY B 210 2.86 13.39 -3.09
C GLY B 210 2.37 14.50 -4.00
N PRO B 211 2.87 15.74 -3.79
CA PRO B 211 2.40 16.86 -4.60
C PRO B 211 2.69 16.65 -6.10
N ILE B 212 1.72 17.00 -6.94
CA ILE B 212 1.81 16.81 -8.40
C ILE B 212 1.26 18.07 -9.05
N LYS B 213 1.92 18.53 -10.11
CA LYS B 213 1.50 19.77 -10.79
C LYS B 213 0.21 19.56 -11.61
N THR B 214 -0.92 19.92 -11.01
CA THR B 214 -2.25 19.76 -11.61
C THR B 214 -3.04 21.06 -11.54
N LEU B 215 -4.28 21.03 -12.04
CA LEU B 215 -5.18 22.20 -11.99
C LEU B 215 -5.56 22.59 -10.56
N ALA B 216 -5.87 21.60 -9.71
CA ALA B 216 -6.15 21.84 -8.29
C ALA B 216 -4.90 22.43 -7.62
N ALA B 217 -3.75 21.86 -7.96
CA ALA B 217 -2.45 22.24 -7.40
C ALA B 217 -2.09 23.71 -7.65
N SER B 218 -2.33 24.19 -8.87
CA SER B 218 -2.06 25.59 -9.22
C SER B 218 -3.01 26.57 -8.52
N GLY B 219 -3.89 26.05 -7.67
CA GLY B 219 -4.76 26.86 -6.81
C GLY B 219 -4.10 27.30 -5.51
N ILE B 220 -2.82 26.94 -5.33
CA ILE B 220 -2.00 27.41 -4.21
C ILE B 220 -0.72 28.10 -4.73
N SER B 221 -0.15 28.98 -3.93
CA SER B 221 0.80 30.00 -4.42
C SER B 221 2.18 29.56 -4.93
N ASN B 222 3.03 29.03 -4.05
CA ASN B 222 4.42 28.70 -4.42
C ASN B 222 4.66 27.20 -4.65
N PHE B 223 3.78 26.58 -5.43
CA PHE B 223 3.77 25.14 -5.65
C PHE B 223 5.10 24.60 -6.18
N LYS B 224 5.68 25.31 -7.14
CA LYS B 224 6.94 24.92 -7.80
C LYS B 224 8.02 24.52 -6.80
N LYS B 225 8.00 25.14 -5.62
CA LYS B 225 9.01 24.93 -4.59
C LYS B 225 8.58 23.91 -3.53
N MET B 226 7.29 23.89 -3.18
CA MET B 226 6.74 22.81 -2.34
C MET B 226 7.01 21.48 -3.03
N LEU B 227 6.91 21.52 -4.35
CA LEU B 227 7.21 20.39 -5.21
C LEU B 227 8.71 20.13 -5.28
N ASP B 228 9.51 21.18 -5.12
CA ASP B 228 10.98 21.04 -5.13
C ASP B 228 11.51 20.66 -3.76
N TYR B 229 10.80 21.09 -2.71
CA TYR B 229 11.12 20.69 -1.35
C TYR B 229 10.95 19.18 -1.19
N ASN B 230 9.81 18.67 -1.68
CA ASN B 230 9.55 17.24 -1.71
C ASN B 230 10.63 16.48 -2.43
N ALA B 231 11.04 16.98 -3.59
CA ALA B 231 12.10 16.36 -4.39
C ALA B 231 13.43 16.33 -3.63
N MET B 232 13.75 17.43 -2.97
CA MET B 232 14.96 17.49 -2.16
C MET B 232 14.93 16.59 -0.91
N VAL B 233 13.84 16.66 -0.16
CA VAL B 233 13.82 16.12 1.21
C VAL B 233 13.41 14.64 1.33
N SER B 234 12.76 14.10 0.31
CA SER B 234 12.29 12.72 0.37
C SER B 234 13.35 11.70 -0.08
N PRO B 235 13.26 10.45 0.43
CA PRO B 235 14.28 9.43 0.23
C PRO B 235 14.65 9.14 -1.22
N LEU B 236 13.66 9.08 -2.12
CA LEU B 236 13.94 8.80 -3.52
C LEU B 236 14.32 10.06 -4.28
N LYS B 237 14.42 11.17 -3.55
CA LYS B 237 14.82 12.47 -4.11
C LYS B 237 14.11 12.73 -5.45
N LYS B 238 12.78 12.78 -5.41
CA LYS B 238 12.00 13.06 -6.62
C LYS B 238 10.57 13.43 -6.30
N ASN B 239 9.83 13.75 -7.36
CA ASN B 239 8.40 13.91 -7.30
C ASN B 239 7.72 12.72 -7.97
N VAL B 240 6.53 12.40 -7.49
CA VAL B 240 5.75 11.32 -8.08
C VAL B 240 5.00 11.85 -9.30
N ASP B 241 4.87 10.99 -10.31
CA ASP B 241 4.01 11.31 -11.46
C ASP B 241 2.65 10.60 -11.37
N ILE B 242 1.71 11.05 -12.20
CA ILE B 242 0.32 10.55 -12.18
C ILE B 242 0.22 9.06 -12.53
N MET B 243 1.25 8.52 -13.17
CA MET B 243 1.31 7.10 -13.43
C MET B 243 1.65 6.29 -12.17
N GLU B 244 2.57 6.80 -11.36
CA GLU B 244 2.89 6.18 -10.07
C GLU B 244 1.67 6.10 -9.15
N VAL B 245 0.91 7.19 -9.10
CA VAL B 245 -0.33 7.22 -8.34
C VAL B 245 -1.34 6.33 -9.03
N GLY B 246 -1.55 6.59 -10.32
CA GLY B 246 -2.49 5.84 -11.14
C GLY B 246 -2.32 4.34 -11.00
N ASN B 247 -1.10 3.85 -11.20
CA ASN B 247 -0.79 2.43 -11.07
C ASN B 247 -1.08 1.84 -9.70
N THR B 248 -1.03 2.66 -8.66
CA THR B 248 -1.32 2.19 -7.31
C THR B 248 -2.84 2.08 -7.11
N VAL B 249 -3.59 3.09 -7.58
CA VAL B 249 -5.04 3.02 -7.52
C VAL B 249 -5.52 1.76 -8.23
N ALA B 250 -5.01 1.54 -9.44
CA ALA B 250 -5.28 0.32 -10.20
C ALA B 250 -5.12 -0.96 -9.36
N PHE B 251 -3.96 -1.12 -8.74
CA PHE B 251 -3.70 -2.26 -7.89
C PHE B 251 -4.74 -2.42 -6.79
N LEU B 252 -5.12 -1.30 -6.17
CA LEU B 252 -6.07 -1.33 -5.05
C LEU B 252 -7.50 -1.70 -5.47
N CYS B 253 -7.76 -1.64 -6.78
CA CYS B 253 -9.01 -2.11 -7.37
C CYS B 253 -8.90 -3.50 -8.03
N SER B 254 -7.85 -4.25 -7.70
CA SER B 254 -7.63 -5.56 -8.31
C SER B 254 -7.88 -6.68 -7.33
N ASP B 255 -8.02 -7.91 -7.84
CA ASP B 255 -8.22 -9.10 -7.00
C ASP B 255 -6.98 -9.42 -6.18
N MET B 256 -5.85 -8.78 -6.55
CA MET B 256 -4.59 -8.95 -5.83
C MET B 256 -4.61 -8.24 -4.47
N ALA B 257 -5.45 -7.22 -4.35
CA ALA B 257 -5.51 -6.39 -3.14
C ALA B 257 -6.68 -6.73 -2.21
N THR B 258 -7.26 -7.91 -2.36
CA THR B 258 -8.45 -8.28 -1.57
C THR B 258 -8.18 -8.47 -0.07
N GLY B 259 -6.93 -8.40 0.35
CA GLY B 259 -6.59 -8.47 1.77
C GLY B 259 -6.45 -7.09 2.40
N ILE B 260 -6.64 -6.05 1.57
CA ILE B 260 -6.36 -4.67 1.94
C ILE B 260 -7.63 -3.83 2.00
N THR B 261 -7.90 -3.26 3.18
CA THR B 261 -8.99 -2.28 3.34
C THR B 261 -8.78 -1.34 4.54
N GLY B 262 -9.37 -0.16 4.44
CA GLY B 262 -9.25 0.88 5.47
C GLY B 262 -7.86 1.48 5.56
N GLU B 263 -7.12 1.40 4.45
CA GLU B 263 -5.69 1.69 4.44
C GLU B 263 -5.37 2.94 3.65
N VAL B 264 -4.26 3.59 4.03
CA VAL B 264 -3.73 4.73 3.31
C VAL B 264 -2.32 4.39 2.84
N VAL B 265 -2.17 4.21 1.53
CA VAL B 265 -0.87 3.93 0.92
C VAL B 265 -0.26 5.25 0.41
N HIS B 266 0.89 5.63 0.96
CA HIS B 266 1.57 6.84 0.52
C HIS B 266 2.31 6.62 -0.76
N VAL B 267 2.03 7.46 -1.75
CA VAL B 267 2.77 7.48 -3.01
C VAL B 267 3.33 8.89 -3.12
N ASP B 268 4.48 9.10 -2.50
CA ASP B 268 5.02 10.44 -2.29
C ASP B 268 6.55 10.43 -2.30
N ALA B 269 7.12 9.43 -2.96
CA ALA B 269 8.57 9.23 -3.04
C ALA B 269 9.21 9.06 -1.65
N GLY B 270 8.39 8.63 -0.69
CA GLY B 270 8.86 8.34 0.67
C GLY B 270 8.85 9.52 1.62
N TYR B 271 8.31 10.65 1.18
CA TYR B 271 8.22 11.85 2.02
C TYR B 271 7.66 11.59 3.43
N HIS B 272 6.67 10.73 3.54
CA HIS B 272 5.94 10.51 4.79
C HIS B 272 6.79 10.00 5.91
N CYS B 273 7.85 9.27 5.58
CA CYS B 273 8.61 8.52 6.57
C CYS B 273 9.85 9.25 7.12
N VAL B 274 10.08 10.49 6.66
CA VAL B 274 11.26 11.25 7.11
C VAL B 274 10.93 12.52 7.88
N SER B 275 11.91 12.96 8.66
CA SER B 275 11.85 14.23 9.36
C SER B 275 13.26 14.80 9.31
N MET B 276 13.37 16.11 9.09
CA MET B 276 14.67 16.79 9.05
C MET B 276 15.60 16.41 7.89
N GLY B 277 15.07 16.24 6.69
CA GLY B 277 15.91 16.27 5.48
C GLY B 277 16.61 17.63 5.47
N ASN B 278 17.81 17.64 6.07
CA ASN B 278 18.42 18.87 6.58
C ASN B 278 18.85 19.94 5.57
N VAL B 279 18.18 21.10 5.64
CA VAL B 279 18.60 22.30 4.93
C VAL B 279 17.95 23.53 5.59
#